data_6ZXB
#
_entry.id   6ZXB
#
_cell.length_a   136.676
_cell.length_b   39.344
_cell.length_c   146.222
_cell.angle_alpha   90.000
_cell.angle_beta   108.770
_cell.angle_gamma   90.000
#
_symmetry.space_group_name_H-M   'C 1 2 1'
#
loop_
_entity.id
_entity.type
_entity.pdbx_description
1 polymer 'Putative GGDEF/response regulator receiver domain protein'
2 non-polymer "3'-DEOXY-GUANOSINE-5'-TRIPHOSPHATE"
3 non-polymer 'MAGNESIUM ION'
4 non-polymer 'SULFATE ION'
5 non-polymer 1,2-ETHANEDIOL
6 water water
#
_entity_poly.entity_id   1
_entity_poly.type   'polypeptide(L)'
_entity_poly.pdbx_seq_one_letter_code
;RKILIIEDSELQRKLLSRWVSKNGYIAIEAESISVAREKIISESIDVVLLDWELPDGNGIDLISDILSTSPVGWLPIIMV
TGHTEPEYFKIAIEAGATDYITKPAKEIELLARIFSALRIKALHDQLRETAIRDVMTGLYNRRYMEERIEQEFQRCKRHD
SLLSMAMIDIDKFKNINDTYGHEIGDQVIKQLAHELKTSFAKSAIISRFGGEEFVILFPETGVVDATRILDRVRENVSKL
EMKSDTDQIFHFTFSGGVAGGDLSDIQSNQELLKIADKNLYEAKSSGRNQIIS
;
_entity_poly.pdbx_strand_id   A,B
#
loop_
_chem_comp.id
_chem_comp.type
_chem_comp.name
_chem_comp.formula
EDO non-polymer 1,2-ETHANEDIOL 'C2 H6 O2'
GH3 RNA linking 3'-DEOXY-GUANOSINE-5'-TRIPHOSPHATE 'C10 H16 N5 O13 P3'
MG non-polymer 'MAGNESIUM ION' 'Mg 2'
SO4 non-polymer 'SULFATE ION' 'O4 S -2'
#
# COMPACT_ATOMS: atom_id res chain seq x y z
N ARG A 1 -3.04 -6.49 22.46
CA ARG A 1 -2.81 -6.86 23.90
C ARG A 1 -4.04 -7.53 24.52
N LYS A 2 -5.26 -7.14 24.15
CA LYS A 2 -6.53 -7.68 24.74
C LYS A 2 -7.15 -8.74 23.81
N ILE A 3 -7.43 -9.95 24.33
CA ILE A 3 -7.94 -11.14 23.57
C ILE A 3 -9.26 -11.62 24.20
N LEU A 4 -10.32 -11.65 23.40
CA LEU A 4 -11.67 -12.14 23.80
C LEU A 4 -11.74 -13.66 23.61
N ILE A 5 -12.11 -14.41 24.65
CA ILE A 5 -12.21 -15.90 24.60
C ILE A 5 -13.67 -16.30 24.74
N ILE A 6 -14.28 -16.74 23.64
CA ILE A 6 -15.70 -17.18 23.56
C ILE A 6 -15.71 -18.72 23.55
N GLU A 7 -16.25 -19.32 24.61
CA GLU A 7 -16.29 -20.80 24.79
C GLU A 7 -17.24 -21.12 25.96
N ASP A 8 -18.28 -21.92 25.68
CA ASP A 8 -19.29 -22.36 26.70
C ASP A 8 -18.57 -23.14 27.81
N SER A 9 -17.89 -24.24 27.46
CA SER A 9 -17.18 -25.13 28.43
C SER A 9 -16.30 -24.29 29.35
N GLU A 10 -16.60 -24.29 30.67
CA GLU A 10 -15.96 -23.38 31.65
C GLU A 10 -14.48 -23.76 31.79
N LEU A 11 -14.20 -25.07 31.79
CA LEU A 11 -12.84 -25.63 32.02
C LEU A 11 -11.92 -25.25 30.84
N GLN A 12 -12.43 -25.43 29.61
CA GLN A 12 -11.69 -25.13 28.35
C GLN A 12 -11.48 -23.61 28.22
N ARG A 13 -12.53 -22.81 28.48
CA ARG A 13 -12.46 -21.33 28.46
C ARG A 13 -11.40 -20.84 29.46
N LYS A 14 -11.28 -21.47 30.62
CA LYS A 14 -10.36 -20.99 31.70
C LYS A 14 -8.92 -21.39 31.34
N LEU A 15 -8.78 -22.53 30.67
CA LEU A 15 -7.48 -23.07 30.18
C LEU A 15 -6.95 -22.16 29.07
N LEU A 16 -7.80 -21.78 28.11
CA LEU A 16 -7.43 -20.82 27.03
C LEU A 16 -7.06 -19.49 27.67
N SER A 17 -7.91 -18.99 28.59
CA SER A 17 -7.67 -17.77 29.38
C SER A 17 -6.29 -17.84 30.06
N ARG A 18 -5.97 -18.91 30.81
CA ARG A 18 -4.66 -19.04 31.48
C ARG A 18 -3.53 -18.86 30.45
N TRP A 19 -3.60 -19.56 29.30
CA TRP A 19 -2.55 -19.55 28.25
C TRP A 19 -2.34 -18.14 27.69
N VAL A 20 -3.42 -17.46 27.31
CA VAL A 20 -3.42 -16.03 26.88
C VAL A 20 -2.76 -15.21 27.99
N SER A 21 -3.36 -15.23 29.19
CA SER A 21 -2.99 -14.38 30.36
C SER A 21 -1.55 -14.67 30.78
N LYS A 22 -1.06 -15.92 30.66
CA LYS A 22 0.34 -16.26 31.03
C LYS A 22 1.27 -15.53 30.09
N ASN A 23 1.13 -15.74 28.78
CA ASN A 23 2.09 -15.30 27.75
C ASN A 23 1.90 -13.81 27.43
N GLY A 24 1.69 -12.96 28.44
CA GLY A 24 1.88 -11.50 28.36
C GLY A 24 0.61 -10.74 28.00
N TYR A 25 -0.38 -11.40 27.40
CA TYR A 25 -1.64 -10.76 26.93
C TYR A 25 -2.67 -10.69 28.07
N ILE A 26 -3.75 -9.93 27.86
CA ILE A 26 -4.93 -9.82 28.77
C ILE A 26 -6.05 -10.69 28.23
N ALA A 27 -6.58 -11.59 29.07
CA ALA A 27 -7.71 -12.51 28.74
C ALA A 27 -9.03 -11.88 29.17
N ILE A 28 -10.03 -11.95 28.28
CA ILE A 28 -11.42 -11.41 28.47
C ILE A 28 -12.41 -12.51 28.09
N GLU A 29 -13.27 -12.94 29.02
CA GLU A 29 -14.03 -14.21 28.90
C GLU A 29 -15.49 -13.96 28.54
N ALA A 30 -16.08 -14.82 27.70
CA ALA A 30 -17.53 -14.89 27.37
C ALA A 30 -17.99 -16.35 27.23
N GLU A 31 -19.08 -16.72 27.91
CA GLU A 31 -19.62 -18.11 27.95
C GLU A 31 -20.65 -18.32 26.83
N SER A 32 -21.30 -17.23 26.38
CA SER A 32 -22.26 -17.20 25.24
C SER A 32 -22.00 -15.97 24.38
N ILE A 33 -22.65 -15.88 23.21
CA ILE A 33 -22.53 -14.75 22.25
C ILE A 33 -23.07 -13.49 22.92
N SER A 34 -24.12 -13.62 23.73
CA SER A 34 -24.76 -12.51 24.48
C SER A 34 -23.69 -11.71 25.23
N VAL A 35 -23.01 -12.36 26.19
CA VAL A 35 -21.92 -11.76 27.03
C VAL A 35 -20.80 -11.25 26.13
N ALA A 36 -20.51 -11.95 25.03
CA ALA A 36 -19.45 -11.62 24.05
C ALA A 36 -19.70 -10.24 23.43
N ARG A 37 -20.92 -9.98 22.96
CA ARG A 37 -21.33 -8.71 22.29
C ARG A 37 -21.21 -7.54 23.27
N GLU A 38 -21.52 -7.74 24.55
CA GLU A 38 -21.31 -6.73 25.62
C GLU A 38 -19.83 -6.34 25.65
N LYS A 39 -18.92 -7.32 25.51
CA LYS A 39 -17.46 -7.13 25.71
C LYS A 39 -16.84 -6.39 24.51
N ILE A 40 -17.33 -6.65 23.28
CA ILE A 40 -16.81 -5.99 22.03
C ILE A 40 -17.24 -4.52 21.99
N ILE A 41 -18.49 -4.21 22.38
CA ILE A 41 -19.01 -2.81 22.47
C ILE A 41 -18.29 -2.10 23.63
N SER A 42 -18.14 -2.76 24.78
CA SER A 42 -17.51 -2.24 26.02
C SER A 42 -16.02 -1.91 25.73
N GLU A 43 -15.11 -2.89 25.78
CA GLU A 43 -13.65 -2.64 25.69
C GLU A 43 -13.18 -2.81 24.24
N SER A 44 -12.00 -2.24 23.94
CA SER A 44 -11.30 -2.33 22.63
C SER A 44 -10.52 -3.65 22.59
N ILE A 45 -11.05 -4.61 21.83
CA ILE A 45 -10.54 -6.01 21.73
C ILE A 45 -9.60 -6.08 20.53
N ASP A 46 -8.40 -6.64 20.72
CA ASP A 46 -7.38 -6.78 19.65
C ASP A 46 -7.66 -8.08 18.85
N VAL A 47 -8.03 -9.19 19.50
CA VAL A 47 -8.21 -10.51 18.80
C VAL A 47 -9.37 -11.28 19.43
N VAL A 48 -10.08 -12.10 18.63
CA VAL A 48 -11.21 -12.98 19.05
C VAL A 48 -10.87 -14.46 18.84
N LEU A 49 -10.93 -15.24 19.91
CA LEU A 49 -10.97 -16.72 19.90
C LEU A 49 -12.44 -17.14 19.94
N LEU A 50 -12.90 -17.97 19.00
CA LEU A 50 -14.34 -18.30 18.85
C LEU A 50 -14.53 -19.81 18.73
N ASP A 51 -15.30 -20.40 19.66
CA ASP A 51 -15.81 -21.78 19.63
C ASP A 51 -16.82 -21.86 18.48
N TRP A 52 -16.51 -22.62 17.44
CA TRP A 52 -17.39 -22.85 16.26
C TRP A 52 -18.44 -23.92 16.57
N GLU A 53 -18.60 -24.28 17.84
CA GLU A 53 -19.63 -25.25 18.36
C GLU A 53 -20.23 -24.66 19.64
N LEU A 54 -21.23 -23.77 19.50
CA LEU A 54 -21.82 -22.93 20.58
C LEU A 54 -23.24 -23.39 20.89
N PRO A 55 -23.96 -22.75 21.85
CA PRO A 55 -25.37 -23.04 22.10
C PRO A 55 -26.26 -23.08 20.84
N ASP A 56 -26.49 -21.93 20.18
CA ASP A 56 -27.60 -21.72 19.20
C ASP A 56 -27.01 -21.28 17.85
N GLY A 57 -27.49 -21.90 16.76
CA GLY A 57 -27.10 -21.60 15.36
C GLY A 57 -25.71 -22.11 15.03
N ASN A 58 -25.42 -22.37 13.75
CA ASN A 58 -24.06 -22.72 13.24
C ASN A 58 -23.18 -21.46 13.33
N GLY A 59 -22.02 -21.45 12.65
CA GLY A 59 -20.97 -20.42 12.83
C GLY A 59 -20.81 -19.50 11.62
N ILE A 60 -21.58 -19.70 10.55
CA ILE A 60 -21.70 -18.70 9.45
C ILE A 60 -22.78 -17.69 9.87
N ASP A 61 -23.54 -18.04 10.92
CA ASP A 61 -24.29 -17.09 11.79
C ASP A 61 -23.28 -16.32 12.67
N LEU A 62 -22.46 -17.03 13.46
CA LEU A 62 -21.60 -16.48 14.57
C LEU A 62 -20.58 -15.47 14.02
N ILE A 63 -19.76 -15.89 13.06
CA ILE A 63 -18.59 -15.10 12.55
C ILE A 63 -19.08 -13.74 12.06
N SER A 64 -20.08 -13.73 11.17
CA SER A 64 -20.68 -12.50 10.59
C SER A 64 -21.35 -11.67 11.70
N ASP A 65 -21.86 -12.32 12.75
CA ASP A 65 -22.46 -11.67 13.95
C ASP A 65 -21.40 -10.84 14.66
N ILE A 66 -20.27 -11.46 15.04
CA ILE A 66 -19.15 -10.84 15.81
C ILE A 66 -18.60 -9.62 15.05
N LEU A 67 -18.50 -9.69 13.72
CA LEU A 67 -17.84 -8.68 12.84
C LEU A 67 -18.54 -7.32 12.91
N SER A 68 -19.88 -7.30 12.83
CA SER A 68 -20.71 -6.07 12.69
C SER A 68 -21.18 -5.57 14.06
N THR A 69 -20.92 -6.31 15.14
CA THR A 69 -21.03 -5.84 16.54
C THR A 69 -19.85 -4.91 16.83
N SER A 70 -18.72 -5.12 16.13
CA SER A 70 -17.48 -4.32 16.29
C SER A 70 -17.76 -2.86 15.94
N PRO A 71 -17.55 -1.91 16.88
CA PRO A 71 -17.61 -0.48 16.57
C PRO A 71 -16.70 -0.05 15.39
N VAL A 72 -15.52 -0.65 15.30
CA VAL A 72 -14.50 -0.35 14.25
C VAL A 72 -14.92 -0.99 12.91
N GLY A 73 -15.76 -2.04 12.93
CA GLY A 73 -16.37 -2.62 11.72
C GLY A 73 -15.66 -3.90 11.24
N TRP A 74 -14.52 -4.27 11.85
CA TRP A 74 -13.74 -5.51 11.56
C TRP A 74 -12.99 -5.95 12.84
N LEU A 75 -12.75 -7.25 12.98
CA LEU A 75 -11.90 -7.82 14.07
C LEU A 75 -11.26 -9.11 13.59
N PRO A 76 -9.98 -9.36 13.91
CA PRO A 76 -9.39 -10.67 13.64
C PRO A 76 -10.00 -11.78 14.54
N ILE A 77 -10.68 -12.73 13.92
CA ILE A 77 -11.36 -13.88 14.58
C ILE A 77 -10.52 -15.13 14.27
N ILE A 78 -10.01 -15.78 15.32
CA ILE A 78 -9.35 -17.11 15.24
C ILE A 78 -10.42 -18.16 15.57
N MET A 79 -10.65 -19.09 14.66
CA MET A 79 -11.63 -20.19 14.84
C MET A 79 -11.01 -21.30 15.71
N VAL A 80 -11.82 -21.83 16.62
CA VAL A 80 -11.44 -22.92 17.57
C VAL A 80 -12.51 -24.01 17.38
N THR A 81 -12.15 -25.13 16.76
CA THR A 81 -13.13 -26.14 16.28
C THR A 81 -12.49 -27.53 16.26
N GLY A 82 -13.35 -28.56 16.27
CA GLY A 82 -12.98 -29.98 16.08
C GLY A 82 -13.10 -30.43 14.62
N HIS A 83 -13.46 -29.50 13.72
CA HIS A 83 -13.60 -29.75 12.26
C HIS A 83 -12.20 -29.74 11.62
N THR A 84 -11.64 -30.92 11.37
CA THR A 84 -10.24 -31.08 10.92
C THR A 84 -10.18 -31.13 9.39
N GLU A 85 -11.33 -31.16 8.71
CA GLU A 85 -11.42 -31.38 7.23
C GLU A 85 -11.02 -30.10 6.52
N PRO A 86 -10.09 -30.15 5.52
CA PRO A 86 -9.62 -28.96 4.81
C PRO A 86 -10.73 -28.01 4.33
N GLU A 87 -11.87 -28.58 3.93
CA GLU A 87 -13.03 -27.85 3.34
C GLU A 87 -13.49 -26.77 4.33
N TYR A 88 -13.53 -27.10 5.63
CA TYR A 88 -14.08 -26.26 6.73
C TYR A 88 -13.24 -25.00 6.97
N PHE A 89 -11.93 -25.03 6.68
CA PHE A 89 -11.03 -23.84 6.78
C PHE A 89 -11.50 -22.76 5.80
N LYS A 90 -11.76 -23.14 4.55
CA LYS A 90 -12.20 -22.23 3.45
C LYS A 90 -13.49 -21.49 3.88
N ILE A 91 -14.51 -22.23 4.33
CA ILE A 91 -15.84 -21.70 4.77
C ILE A 91 -15.62 -20.57 5.78
N ALA A 92 -14.69 -20.80 6.72
CA ALA A 92 -14.34 -19.88 7.83
C ALA A 92 -13.77 -18.58 7.26
N ILE A 93 -12.94 -18.66 6.22
CA ILE A 93 -12.29 -17.48 5.56
C ILE A 93 -13.34 -16.71 4.75
N GLU A 94 -14.12 -17.43 3.93
CA GLU A 94 -15.24 -16.88 3.11
C GLU A 94 -16.27 -16.21 4.03
N ALA A 95 -16.44 -16.74 5.25
CA ALA A 95 -17.29 -16.15 6.32
C ALA A 95 -16.64 -14.88 6.90
N GLY A 96 -15.31 -14.78 6.88
CA GLY A 96 -14.53 -13.57 7.24
C GLY A 96 -13.67 -13.74 8.48
N ALA A 97 -13.35 -14.98 8.86
CA ALA A 97 -12.39 -15.29 9.95
C ALA A 97 -10.98 -14.97 9.46
N THR A 98 -10.07 -14.71 10.39
CA THR A 98 -8.64 -14.42 10.12
C THR A 98 -7.83 -15.71 10.13
N ASP A 99 -8.07 -16.60 11.10
CA ASP A 99 -7.25 -17.83 11.26
C ASP A 99 -8.08 -18.96 11.88
N TYR A 100 -7.42 -20.06 12.29
CA TYR A 100 -8.03 -21.39 12.49
C TYR A 100 -7.18 -22.25 13.43
N ILE A 101 -7.76 -22.74 14.53
CA ILE A 101 -7.12 -23.77 15.38
C ILE A 101 -8.03 -25.00 15.45
N THR A 102 -7.46 -26.17 15.25
CA THR A 102 -8.12 -27.48 15.49
C THR A 102 -7.99 -27.77 16.99
N LYS A 103 -9.09 -27.93 17.70
CA LYS A 103 -9.03 -28.35 19.14
C LYS A 103 -8.68 -29.84 19.18
N PRO A 104 -8.06 -30.33 20.26
CA PRO A 104 -7.67 -29.51 21.41
C PRO A 104 -6.46 -28.62 21.07
N ALA A 105 -6.61 -27.30 21.25
CA ALA A 105 -5.59 -26.28 20.95
C ALA A 105 -4.32 -26.56 21.77
N LYS A 106 -3.14 -26.45 21.15
CA LYS A 106 -1.82 -26.48 21.84
C LYS A 106 -1.44 -25.04 22.20
N GLU A 107 -0.82 -24.83 23.37
CA GLU A 107 -0.32 -23.49 23.82
C GLU A 107 0.34 -22.79 22.61
N ILE A 108 1.20 -23.53 21.89
CA ILE A 108 2.08 -23.06 20.79
C ILE A 108 1.22 -22.58 19.62
N GLU A 109 0.27 -23.39 19.13
CA GLU A 109 -0.50 -22.99 17.93
C GLU A 109 -1.36 -21.79 18.32
N LEU A 110 -1.85 -21.72 19.58
CA LEU A 110 -2.69 -20.58 20.03
C LEU A 110 -1.89 -19.27 19.94
N LEU A 111 -0.65 -19.25 20.45
CA LEU A 111 0.23 -18.06 20.44
C LEU A 111 0.61 -17.69 19.00
N ALA A 112 0.89 -18.68 18.16
CA ALA A 112 1.24 -18.48 16.73
C ALA A 112 0.09 -17.75 16.03
N ARG A 113 -1.14 -18.26 16.22
CA ARG A 113 -2.37 -17.72 15.58
C ARG A 113 -2.62 -16.28 16.04
N ILE A 114 -2.43 -15.99 17.33
CA ILE A 114 -2.63 -14.64 17.92
C ILE A 114 -1.57 -13.69 17.36
N PHE A 115 -0.33 -14.15 17.21
CA PHE A 115 0.76 -13.32 16.65
C PHE A 115 0.34 -12.92 15.23
N SER A 116 -0.04 -13.91 14.42
CA SER A 116 -0.53 -13.74 13.03
C SER A 116 -1.70 -12.76 12.98
N ALA A 117 -2.72 -12.97 13.82
CA ALA A 117 -3.94 -12.13 13.87
C ALA A 117 -3.55 -10.67 14.16
N LEU A 118 -2.52 -10.46 14.98
CA LEU A 118 -2.06 -9.10 15.40
C LEU A 118 -1.27 -8.44 14.28
N ARG A 119 -0.54 -9.23 13.48
CA ARG A 119 0.19 -8.67 12.33
C ARG A 119 -0.86 -8.22 11.29
N ILE A 120 -1.89 -9.03 11.10
CA ILE A 120 -2.96 -8.72 10.11
C ILE A 120 -3.78 -7.51 10.58
N LYS A 121 -4.11 -7.45 11.87
CA LYS A 121 -4.83 -6.29 12.45
C LYS A 121 -4.03 -5.02 12.17
N ALA A 122 -2.69 -5.08 12.34
CA ALA A 122 -1.80 -3.90 12.27
C ALA A 122 -1.78 -3.39 10.84
N LEU A 123 -1.65 -4.32 9.88
CA LEU A 123 -1.67 -3.99 8.43
C LEU A 123 -3.06 -3.51 8.03
N HIS A 124 -4.11 -4.18 8.52
CA HIS A 124 -5.52 -3.81 8.21
C HIS A 124 -5.76 -2.36 8.66
N ASP A 125 -5.20 -1.97 9.83
CA ASP A 125 -5.39 -0.63 10.45
C ASP A 125 -4.60 0.41 9.64
N GLN A 126 -3.32 0.15 9.39
CA GLN A 126 -2.47 1.06 8.60
C GLN A 126 -3.14 1.33 7.26
N LEU A 127 -3.78 0.32 6.66
CA LEU A 127 -4.43 0.44 5.33
C LEU A 127 -5.71 1.27 5.44
N ARG A 128 -6.57 0.99 6.40
CA ARG A 128 -7.82 1.77 6.60
C ARG A 128 -7.46 3.26 6.80
N GLU A 129 -6.29 3.56 7.37
CA GLU A 129 -5.84 4.96 7.65
C GLU A 129 -5.33 5.61 6.36
N THR A 130 -4.64 4.88 5.47
CA THR A 130 -4.23 5.37 4.14
C THR A 130 -5.48 5.62 3.28
N ALA A 131 -6.53 4.82 3.47
CA ALA A 131 -7.71 4.92 2.60
C ALA A 131 -8.45 6.24 2.86
N ILE A 132 -8.32 6.90 4.01
CA ILE A 132 -9.02 8.19 4.29
C ILE A 132 -8.02 9.35 4.22
N ARG A 133 -6.73 9.05 4.04
CA ARG A 133 -5.66 10.07 4.07
C ARG A 133 -5.05 10.23 2.70
N ASP A 134 -4.55 11.41 2.43
CA ASP A 134 -3.65 11.71 1.32
C ASP A 134 -2.28 11.32 1.84
N VAL A 135 -1.65 10.33 1.25
CA VAL A 135 -0.39 9.83 1.82
C VAL A 135 0.68 10.92 1.75
N MET A 136 0.69 11.80 0.76
CA MET A 136 1.82 12.75 0.62
C MET A 136 1.78 13.77 1.76
N THR A 137 0.58 14.21 2.18
CA THR A 137 0.44 15.31 3.16
C THR A 137 0.01 14.86 4.57
N GLY A 138 -0.65 13.71 4.74
CA GLY A 138 -1.20 13.24 6.05
C GLY A 138 -2.56 13.85 6.33
N LEU A 139 -3.07 14.68 5.43
CA LEU A 139 -4.40 15.30 5.47
C LEU A 139 -5.45 14.31 4.95
N TYR A 140 -6.71 14.62 5.17
CA TYR A 140 -7.81 13.83 4.59
C TYR A 140 -7.74 13.88 3.07
N ASN A 141 -8.05 12.77 2.44
CA ASN A 141 -8.17 12.74 0.96
C ASN A 141 -9.58 13.22 0.61
N ARG A 142 -9.85 13.29 -0.70
CA ARG A 142 -11.09 13.91 -1.22
C ARG A 142 -12.27 13.01 -0.88
N ARG A 143 -12.12 11.71 -1.12
CA ARG A 143 -13.21 10.74 -0.86
C ARG A 143 -13.71 10.90 0.60
N TYR A 144 -12.82 10.94 1.60
CA TYR A 144 -13.20 11.05 3.03
C TYR A 144 -13.88 12.42 3.23
N MET A 145 -13.25 13.46 2.70
CA MET A 145 -13.61 14.85 2.95
C MET A 145 -15.02 15.10 2.44
N GLU A 146 -15.40 14.52 1.30
CA GLU A 146 -16.78 14.75 0.78
C GLU A 146 -17.82 14.25 1.80
N GLU A 147 -17.54 13.09 2.38
CA GLU A 147 -18.44 12.46 3.36
C GLU A 147 -18.39 13.29 4.65
N ARG A 148 -17.21 13.79 5.03
CA ARG A 148 -17.04 14.56 6.28
C ARG A 148 -17.69 15.94 6.12
N ILE A 149 -17.68 16.51 4.92
CA ILE A 149 -18.38 17.78 4.64
C ILE A 149 -19.89 17.55 4.85
N GLU A 150 -20.43 16.52 4.21
CA GLU A 150 -21.87 16.20 4.35
C GLU A 150 -22.20 16.05 5.85
N GLN A 151 -21.40 15.29 6.62
CA GLN A 151 -21.66 15.07 8.08
C GLN A 151 -21.58 16.40 8.85
N GLU A 152 -20.54 17.21 8.67
CA GLU A 152 -20.39 18.46 9.49
C GLU A 152 -21.51 19.45 9.14
N PHE A 153 -21.90 19.53 7.87
CA PHE A 153 -23.01 20.39 7.39
C PHE A 153 -24.31 19.94 8.08
N GLN A 154 -24.65 18.66 8.05
CA GLN A 154 -25.89 18.15 8.71
C GLN A 154 -25.83 18.43 10.21
N ARG A 155 -24.68 18.19 10.85
CA ARG A 155 -24.47 18.45 12.30
C ARG A 155 -24.71 19.93 12.59
N CYS A 156 -24.14 20.81 11.79
CA CYS A 156 -24.24 22.26 12.02
C CYS A 156 -25.68 22.72 11.79
N LYS A 157 -26.41 22.11 10.84
CA LYS A 157 -27.85 22.44 10.64
C LYS A 157 -28.69 21.99 11.84
N ARG A 158 -28.50 20.76 12.35
CA ARG A 158 -29.18 20.28 13.59
C ARG A 158 -28.97 21.26 14.76
N HIS A 159 -27.77 21.84 14.91
CA HIS A 159 -27.37 22.60 16.13
C HIS A 159 -27.45 24.10 15.86
N ASP A 160 -27.98 24.50 14.72
CA ASP A 160 -27.93 25.90 14.28
C ASP A 160 -26.54 26.49 14.55
N SER A 161 -25.46 25.74 14.27
CA SER A 161 -24.04 26.14 14.50
C SER A 161 -23.48 26.80 13.25
N LEU A 162 -22.52 27.71 13.44
CA LEU A 162 -21.71 28.28 12.34
C LEU A 162 -20.77 27.19 11.74
N LEU A 163 -20.59 27.19 10.42
CA LEU A 163 -19.61 26.33 9.70
C LEU A 163 -19.07 27.12 8.50
N SER A 164 -17.82 27.56 8.57
CA SER A 164 -17.16 28.24 7.41
C SER A 164 -16.29 27.21 6.65
N MET A 165 -16.23 27.33 5.33
CA MET A 165 -15.41 26.45 4.45
C MET A 165 -14.47 27.33 3.62
N ALA A 166 -13.18 26.99 3.60
CA ALA A 166 -12.19 27.60 2.70
C ALA A 166 -11.78 26.57 1.64
N MET A 167 -11.70 27.00 0.38
CA MET A 167 -11.07 26.28 -0.74
C MET A 167 -9.89 27.11 -1.20
N ILE A 168 -8.68 26.54 -1.09
CA ILE A 168 -7.39 27.18 -1.48
C ILE A 168 -6.71 26.33 -2.56
N ASP A 169 -5.82 27.01 -3.29
CA ASP A 169 -5.25 26.52 -4.53
C ASP A 169 -3.93 27.23 -4.74
N ILE A 170 -2.84 26.49 -5.03
CA ILE A 170 -1.50 27.11 -5.04
C ILE A 170 -1.43 27.99 -6.30
N ASP A 171 -0.85 29.18 -6.19
CA ASP A 171 -0.73 30.15 -7.31
C ASP A 171 0.39 29.68 -8.28
N LYS A 172 0.06 29.58 -9.57
CA LYS A 172 0.94 29.17 -10.70
C LYS A 172 1.87 28.04 -10.24
N PHE A 173 1.30 26.95 -9.74
CA PHE A 173 2.07 25.77 -9.29
C PHE A 173 2.67 25.00 -10.49
N LYS A 174 2.03 25.01 -11.65
CA LYS A 174 2.60 24.34 -12.86
C LYS A 174 3.97 24.94 -13.17
N ASN A 175 4.15 26.27 -13.00
CA ASN A 175 5.43 26.93 -13.33
C ASN A 175 6.48 26.49 -12.30
N ILE A 176 6.05 26.26 -11.06
CA ILE A 176 6.96 25.72 -10.01
C ILE A 176 7.46 24.34 -10.46
N ASN A 177 6.57 23.46 -10.91
CA ASN A 177 6.96 22.08 -11.35
C ASN A 177 7.92 22.17 -12.52
N ASP A 178 7.59 22.96 -13.53
CA ASP A 178 8.36 23.10 -14.79
C ASP A 178 9.72 23.69 -14.54
N THR A 179 9.84 24.60 -13.58
CA THR A 179 11.12 25.30 -13.31
C THR A 179 11.99 24.47 -12.38
N TYR A 180 11.42 23.79 -11.37
CA TYR A 180 12.17 23.26 -10.20
C TYR A 180 12.07 21.73 -10.13
N GLY A 181 11.13 21.13 -10.84
CA GLY A 181 10.91 19.68 -10.86
C GLY A 181 9.84 19.22 -9.94
N HIS A 182 9.27 18.07 -10.20
CA HIS A 182 8.10 17.57 -9.44
C HIS A 182 8.46 17.24 -8.00
N GLU A 183 9.71 16.90 -7.70
CA GLU A 183 10.17 16.60 -6.34
C GLU A 183 9.98 17.87 -5.48
N ILE A 184 10.41 19.02 -6.03
CA ILE A 184 10.33 20.33 -5.37
C ILE A 184 8.85 20.71 -5.26
N GLY A 185 8.07 20.47 -6.31
CA GLY A 185 6.60 20.64 -6.28
C GLY A 185 6.02 19.89 -5.09
N ASP A 186 6.43 18.61 -4.93
CA ASP A 186 5.89 17.81 -3.81
C ASP A 186 6.28 18.48 -2.48
N GLN A 187 7.52 19.00 -2.35
CA GLN A 187 7.98 19.61 -1.07
C GLN A 187 7.09 20.83 -0.76
N VAL A 188 6.67 21.56 -1.81
CA VAL A 188 5.81 22.77 -1.75
C VAL A 188 4.42 22.33 -1.26
N ILE A 189 3.86 21.30 -1.84
CA ILE A 189 2.58 20.69 -1.39
C ILE A 189 2.65 20.26 0.11
N LYS A 190 3.75 19.62 0.55
CA LYS A 190 3.96 19.20 1.96
C LYS A 190 4.14 20.44 2.90
N GLN A 191 4.72 21.52 2.40
CA GLN A 191 5.08 22.71 3.18
C GLN A 191 3.76 23.44 3.46
N LEU A 192 2.89 23.53 2.46
CA LEU A 192 1.57 24.10 2.62
C LEU A 192 0.79 23.27 3.64
N ALA A 193 0.80 21.94 3.44
CA ALA A 193 0.17 20.99 4.37
C ALA A 193 0.62 21.28 5.80
N HIS A 194 1.95 21.35 6.02
CA HIS A 194 2.54 21.64 7.35
C HIS A 194 1.93 22.94 7.95
N GLU A 195 1.82 24.02 7.15
CA GLU A 195 1.30 25.33 7.57
C GLU A 195 -0.17 25.20 7.96
N LEU A 196 -0.93 24.48 7.15
CA LEU A 196 -2.36 24.26 7.39
C LEU A 196 -2.50 23.45 8.68
N LYS A 197 -1.69 22.42 8.92
CA LYS A 197 -1.82 21.60 10.15
C LYS A 197 -1.33 22.32 11.41
N THR A 198 -0.57 23.42 11.33
CA THR A 198 0.05 23.99 12.55
C THR A 198 -0.60 25.34 12.91
N SER A 199 -1.61 25.79 12.17
CA SER A 199 -2.08 27.19 12.20
C SER A 199 -3.52 27.28 12.69
N PHE A 200 -4.35 26.27 12.48
CA PHE A 200 -5.80 26.32 12.78
C PHE A 200 -6.06 25.70 14.14
N ALA A 201 -7.24 25.97 14.70
CA ALA A 201 -7.72 25.27 15.91
C ALA A 201 -7.83 23.76 15.62
N LYS A 202 -7.63 22.95 16.65
CA LYS A 202 -7.83 21.48 16.66
C LYS A 202 -9.09 21.10 15.88
N SER A 203 -10.17 21.84 16.03
CA SER A 203 -11.50 21.44 15.53
C SER A 203 -11.60 21.60 14.00
N ALA A 204 -10.66 22.31 13.38
CA ALA A 204 -10.67 22.50 11.91
C ALA A 204 -10.37 21.15 11.25
N ILE A 205 -11.03 20.92 10.13
CA ILE A 205 -10.91 19.68 9.34
C ILE A 205 -10.23 20.07 8.04
N ILE A 206 -9.04 19.47 7.81
CA ILE A 206 -8.14 19.86 6.71
C ILE A 206 -8.02 18.68 5.74
N SER A 207 -8.22 18.98 4.46
CA SER A 207 -8.22 18.02 3.34
C SER A 207 -7.32 18.54 2.23
N ARG A 208 -6.59 17.61 1.62
CA ARG A 208 -6.05 17.83 0.26
C ARG A 208 -7.13 17.37 -0.69
N PHE A 209 -7.77 18.29 -1.39
CA PHE A 209 -8.99 17.97 -2.17
C PHE A 209 -8.64 17.57 -3.60
N GLY A 210 -7.43 17.86 -4.06
CA GLY A 210 -6.96 17.61 -5.44
C GLY A 210 -5.47 17.84 -5.51
N GLY A 211 -4.86 17.65 -6.69
CA GLY A 211 -3.41 17.82 -6.89
C GLY A 211 -2.80 19.00 -6.14
N GLU A 212 -3.41 20.18 -6.20
CA GLU A 212 -2.84 21.38 -5.52
C GLU A 212 -3.97 22.23 -4.94
N GLU A 213 -5.04 21.59 -4.48
CA GLU A 213 -6.27 22.24 -3.93
C GLU A 213 -6.50 21.60 -2.56
N PHE A 214 -6.89 22.43 -1.59
CA PHE A 214 -7.15 22.04 -0.20
C PHE A 214 -8.43 22.73 0.25
N VAL A 215 -9.22 21.98 1.00
CA VAL A 215 -10.54 22.37 1.55
C VAL A 215 -10.41 22.26 3.07
N ILE A 216 -10.77 23.32 3.78
CA ILE A 216 -10.65 23.38 5.27
C ILE A 216 -12.02 23.78 5.77
N LEU A 217 -12.59 22.95 6.64
CA LEU A 217 -13.81 23.31 7.38
C LEU A 217 -13.43 23.96 8.72
N PHE A 218 -14.17 24.99 9.12
CA PHE A 218 -14.00 25.64 10.42
C PHE A 218 -15.35 25.61 11.14
N PRO A 219 -15.61 24.54 11.93
CA PRO A 219 -16.84 24.37 12.70
C PRO A 219 -16.93 25.53 13.69
N GLU A 220 -18.14 26.04 13.94
CA GLU A 220 -18.39 27.11 14.95
C GLU A 220 -17.59 28.39 14.65
N THR A 221 -17.25 28.65 13.39
CA THR A 221 -16.49 29.86 12.98
C THR A 221 -17.26 30.54 11.85
N GLY A 222 -17.50 31.84 12.01
CA GLY A 222 -18.06 32.76 11.02
C GLY A 222 -17.05 33.09 9.92
N VAL A 223 -17.55 33.55 8.78
CA VAL A 223 -16.75 33.79 7.57
C VAL A 223 -15.63 34.80 7.86
N VAL A 224 -15.95 35.89 8.51
CA VAL A 224 -14.95 36.97 8.78
C VAL A 224 -13.80 36.37 9.61
N ASP A 225 -14.08 35.56 10.62
CA ASP A 225 -13.01 35.02 11.49
C ASP A 225 -12.17 33.99 10.69
N ALA A 226 -12.81 33.15 9.89
CA ALA A 226 -12.13 32.13 9.08
C ALA A 226 -11.20 32.89 8.09
N THR A 227 -11.69 33.95 7.48
CA THR A 227 -10.92 34.80 6.54
C THR A 227 -9.70 35.35 7.31
N ARG A 228 -9.85 35.93 8.50
CA ARG A 228 -8.66 36.46 9.24
C ARG A 228 -7.62 35.34 9.40
N ILE A 229 -8.06 34.19 9.92
CA ILE A 229 -7.17 33.08 10.28
C ILE A 229 -6.51 32.60 8.95
N LEU A 230 -7.28 32.43 7.87
CA LEU A 230 -6.75 31.94 6.58
C LEU A 230 -5.75 32.97 6.02
N ASP A 231 -6.08 34.26 6.10
CA ASP A 231 -5.26 35.36 5.51
C ASP A 231 -3.93 35.39 6.26
N ARG A 232 -3.92 35.14 7.58
CA ARG A 232 -2.64 35.10 8.32
C ARG A 232 -1.75 33.99 7.72
N VAL A 233 -2.34 32.85 7.37
CA VAL A 233 -1.57 31.70 6.83
C VAL A 233 -1.17 32.01 5.39
N ARG A 234 -2.06 32.57 4.58
CA ARG A 234 -1.71 33.09 3.22
C ARG A 234 -0.46 33.95 3.30
N GLU A 235 -0.41 34.82 4.30
CA GLU A 235 0.69 35.79 4.48
C GLU A 235 1.95 35.06 4.92
N ASN A 236 1.87 34.19 5.91
CA ASN A 236 3.02 33.34 6.33
C ASN A 236 3.58 32.51 5.14
N VAL A 237 2.73 31.94 4.31
CA VAL A 237 3.18 31.10 3.16
C VAL A 237 3.98 31.99 2.20
N SER A 238 3.47 33.19 1.85
CA SER A 238 4.14 34.16 0.94
C SER A 238 5.58 34.46 1.39
N LYS A 239 5.93 34.19 2.64
CA LYS A 239 7.23 34.62 3.22
C LYS A 239 8.21 33.45 3.25
N LEU A 240 7.70 32.23 3.16
CA LEU A 240 8.57 31.01 3.17
C LEU A 240 9.57 31.13 2.03
N GLU A 241 10.85 31.08 2.39
CA GLU A 241 11.98 30.95 1.46
C GLU A 241 12.17 29.47 1.16
N MET A 242 11.51 29.00 0.12
CA MET A 242 11.73 27.63 -0.41
C MET A 242 13.04 27.58 -1.19
N LYS A 243 13.69 26.42 -1.10
CA LYS A 243 15.00 26.10 -1.73
C LYS A 243 14.77 25.07 -2.82
N SER A 244 15.23 25.39 -4.03
CA SER A 244 15.30 24.48 -5.20
C SER A 244 16.34 23.38 -4.93
N ASP A 245 16.45 22.47 -5.88
CA ASP A 245 17.44 21.36 -5.93
C ASP A 245 18.88 21.92 -5.84
N THR A 246 19.15 23.09 -6.44
CA THR A 246 20.47 23.77 -6.47
C THR A 246 20.53 24.95 -5.48
N ASP A 247 19.59 25.04 -4.54
CA ASP A 247 19.61 25.97 -3.39
C ASP A 247 19.27 27.39 -3.87
N GLN A 248 18.61 27.55 -5.02
CA GLN A 248 17.97 28.80 -5.47
C GLN A 248 16.72 29.06 -4.60
N ILE A 249 16.55 30.29 -4.14
CA ILE A 249 15.37 30.67 -3.35
C ILE A 249 14.23 30.99 -4.31
N PHE A 250 13.06 30.47 -4.03
CA PHE A 250 11.78 30.89 -4.65
C PHE A 250 10.70 31.00 -3.57
N HIS A 251 9.61 31.70 -3.89
CA HIS A 251 8.41 31.83 -3.03
C HIS A 251 7.22 31.24 -3.77
N PHE A 252 6.24 30.76 -3.04
CA PHE A 252 4.88 30.56 -3.55
C PHE A 252 3.87 31.30 -2.68
N THR A 253 2.66 31.30 -3.21
CA THR A 253 1.46 31.84 -2.55
C THR A 253 0.30 30.95 -2.96
N PHE A 254 -0.81 31.10 -2.27
CA PHE A 254 -2.10 30.53 -2.63
C PHE A 254 -3.16 31.66 -2.59
N SER A 255 -4.22 31.40 -3.32
CA SER A 255 -5.50 32.09 -3.40
C SER A 255 -6.52 31.23 -2.67
N GLY A 256 -7.57 31.89 -2.16
CA GLY A 256 -8.56 31.28 -1.25
C GLY A 256 -9.93 31.87 -1.51
N GLY A 257 -10.95 31.05 -1.38
CA GLY A 257 -12.36 31.43 -1.29
C GLY A 257 -12.91 30.89 0.01
N VAL A 258 -13.64 31.73 0.76
CA VAL A 258 -14.28 31.35 2.04
C VAL A 258 -15.78 31.49 1.85
N ALA A 259 -16.56 30.51 2.29
CA ALA A 259 -18.03 30.48 2.18
C ALA A 259 -18.64 30.01 3.50
N GLY A 260 -19.95 30.23 3.66
CA GLY A 260 -20.74 29.64 4.74
C GLY A 260 -20.84 30.59 5.92
N GLY A 261 -20.51 30.10 7.11
CA GLY A 261 -20.78 30.78 8.39
C GLY A 261 -22.15 30.34 8.87
N ASP A 262 -23.15 31.17 8.63
CA ASP A 262 -24.58 30.87 8.86
C ASP A 262 -25.09 29.99 7.71
N LEU A 263 -25.62 28.81 8.03
CA LEU A 263 -26.07 27.82 7.01
C LEU A 263 -27.57 27.92 6.73
N SER A 264 -28.29 28.81 7.41
CA SER A 264 -29.78 28.86 7.39
C SER A 264 -30.34 28.89 5.95
N ASP A 265 -29.72 29.58 4.99
CA ASP A 265 -30.25 29.64 3.59
C ASP A 265 -29.29 28.95 2.60
N ILE A 266 -28.62 27.89 3.06
CA ILE A 266 -27.84 26.94 2.19
C ILE A 266 -28.51 25.58 2.39
N GLN A 267 -29.15 25.04 1.35
CA GLN A 267 -30.04 23.84 1.45
C GLN A 267 -29.19 22.56 1.53
N SER A 268 -27.94 22.57 1.06
CA SER A 268 -27.08 21.37 0.95
C SER A 268 -25.59 21.75 0.89
N ASN A 269 -24.71 20.82 1.27
CA ASN A 269 -23.25 21.03 1.42
C ASN A 269 -22.59 21.36 0.08
N GLN A 270 -23.17 20.94 -1.05
CA GLN A 270 -22.67 21.23 -2.43
C GLN A 270 -22.70 22.74 -2.71
N GLU A 271 -23.79 23.41 -2.31
CA GLU A 271 -23.98 24.88 -2.46
C GLU A 271 -22.82 25.62 -1.77
N LEU A 272 -22.31 25.05 -0.67
CA LEU A 272 -21.18 25.59 0.12
C LEU A 272 -19.90 25.55 -0.71
N LEU A 273 -19.64 24.40 -1.34
CA LEU A 273 -18.44 24.18 -2.18
C LEU A 273 -18.49 25.11 -3.39
N LYS A 274 -19.68 25.27 -3.97
CA LYS A 274 -19.93 26.12 -5.15
C LYS A 274 -19.49 27.54 -4.79
N ILE A 275 -19.93 28.05 -3.64
CA ILE A 275 -19.66 29.46 -3.23
C ILE A 275 -18.17 29.60 -2.93
N ALA A 276 -17.56 28.70 -2.17
CA ALA A 276 -16.10 28.74 -1.96
C ALA A 276 -15.36 28.75 -3.32
N ASP A 277 -15.81 27.96 -4.31
CA ASP A 277 -15.14 27.83 -5.64
C ASP A 277 -15.28 29.14 -6.43
N LYS A 278 -16.46 29.79 -6.35
CA LYS A 278 -16.69 31.09 -7.01
C LYS A 278 -15.71 32.10 -6.45
N ASN A 279 -15.60 32.20 -5.13
CA ASN A 279 -14.73 33.20 -4.47
C ASN A 279 -13.25 32.85 -4.77
N LEU A 280 -12.91 31.57 -4.83
CA LEU A 280 -11.56 31.17 -5.30
C LEU A 280 -11.26 31.77 -6.68
N TYR A 281 -12.15 31.58 -7.66
CA TYR A 281 -12.04 32.11 -9.04
C TYR A 281 -11.84 33.64 -9.01
N GLU A 282 -12.66 34.35 -8.22
CA GLU A 282 -12.54 35.83 -8.05
C GLU A 282 -11.15 36.17 -7.47
N ALA A 283 -10.65 35.39 -6.51
CA ALA A 283 -9.28 35.58 -5.95
C ALA A 283 -8.23 35.40 -7.04
N LYS A 284 -8.39 34.37 -7.86
CA LYS A 284 -7.44 33.98 -8.94
C LYS A 284 -7.45 35.05 -10.02
N SER A 285 -8.61 35.64 -10.30
CA SER A 285 -8.87 36.63 -11.37
C SER A 285 -8.42 38.06 -11.00
N SER A 286 -8.15 38.35 -9.73
CA SER A 286 -7.91 39.72 -9.21
C SER A 286 -6.46 39.90 -8.72
N GLY A 287 -5.53 39.01 -9.15
CA GLY A 287 -4.08 39.15 -8.90
C GLY A 287 -3.49 38.04 -8.05
N ARG A 288 -4.33 37.07 -7.61
CA ARG A 288 -3.89 35.89 -6.80
C ARG A 288 -3.28 36.40 -5.49
N ASN A 289 -2.65 35.49 -4.73
CA ASN A 289 -2.12 35.72 -3.38
C ASN A 289 -3.11 36.56 -2.56
N GLN A 290 -4.39 36.16 -2.56
CA GLN A 290 -5.43 36.80 -1.72
C GLN A 290 -6.57 35.81 -1.45
N ILE A 291 -7.42 36.15 -0.49
CA ILE A 291 -8.63 35.44 0.01
C ILE A 291 -9.83 36.32 -0.33
N ILE A 292 -10.85 35.76 -0.96
CA ILE A 292 -12.14 36.44 -1.19
C ILE A 292 -13.20 35.68 -0.38
N SER A 293 -13.97 36.46 0.37
CA SER A 293 -15.13 36.03 1.17
C SER A 293 -16.20 37.14 1.11
N ARG B 1 1.09 -18.41 -5.19
CA ARG B 1 0.74 -19.63 -6.02
C ARG B 1 1.87 -20.68 -5.95
N LYS B 2 3.15 -20.26 -5.89
CA LYS B 2 4.33 -21.17 -5.84
C LYS B 2 4.84 -21.34 -4.40
N ILE B 3 5.00 -22.59 -3.95
CA ILE B 3 5.39 -22.96 -2.54
C ILE B 3 6.64 -23.85 -2.57
N LEU B 4 7.72 -23.42 -1.90
CA LEU B 4 8.98 -24.21 -1.78
C LEU B 4 8.88 -25.14 -0.56
N ILE B 5 9.12 -26.45 -0.75
CA ILE B 5 9.09 -27.45 0.36
C ILE B 5 10.50 -27.98 0.60
N ILE B 6 11.10 -27.60 1.72
CA ILE B 6 12.48 -28.01 2.14
C ILE B 6 12.34 -29.09 3.23
N GLU B 7 12.75 -30.32 2.94
CA GLU B 7 12.61 -31.48 3.86
C GLU B 7 13.48 -32.63 3.32
N ASP B 8 14.44 -33.10 4.12
CA ASP B 8 15.34 -34.23 3.77
C ASP B 8 14.50 -35.48 3.49
N SER B 9 13.71 -35.94 4.48
CA SER B 9 12.86 -37.17 4.39
C SER B 9 12.06 -37.13 3.07
N GLU B 10 12.30 -38.09 2.18
CA GLU B 10 11.77 -38.09 0.79
C GLU B 10 10.25 -38.27 0.86
N LEU B 11 9.78 -39.18 1.71
CA LEU B 11 8.35 -39.56 1.79
C LEU B 11 7.56 -38.38 2.38
N GLN B 12 8.07 -37.72 3.42
CA GLN B 12 7.43 -36.55 4.08
C GLN B 12 7.40 -35.36 3.12
N ARG B 13 8.51 -35.08 2.43
CA ARG B 13 8.60 -34.01 1.41
C ARG B 13 7.59 -34.25 0.28
N LYS B 14 7.37 -35.50 -0.12
CA LYS B 14 6.50 -35.84 -1.29
C LYS B 14 5.03 -35.72 -0.85
N LEU B 15 4.77 -36.04 0.41
CA LEU B 15 3.43 -35.98 1.04
C LEU B 15 3.03 -34.51 1.20
N LEU B 16 3.94 -33.66 1.69
CA LEU B 16 3.72 -32.20 1.78
C LEU B 16 3.49 -31.64 0.37
N SER B 17 4.35 -32.00 -0.58
CA SER B 17 4.22 -31.66 -2.02
C SER B 17 2.83 -32.04 -2.53
N ARG B 18 2.39 -33.29 -2.33
CA ARG B 18 1.03 -33.73 -2.78
C ARG B 18 -0.04 -32.77 -2.21
N TRP B 19 0.00 -32.47 -0.91
CA TRP B 19 -1.01 -31.62 -0.20
C TRP B 19 -1.04 -30.21 -0.81
N VAL B 20 0.11 -29.58 -0.98
CA VAL B 20 0.26 -28.26 -1.67
C VAL B 20 -0.35 -28.39 -3.08
N SER B 21 0.20 -29.30 -3.89
CA SER B 21 -0.13 -29.51 -5.32
C SER B 21 -1.62 -29.85 -5.46
N LYS B 22 -2.21 -30.59 -4.53
CA LYS B 22 -3.66 -30.94 -4.58
C LYS B 22 -4.49 -29.66 -4.46
N ASN B 23 -4.29 -28.91 -3.38
CA ASN B 23 -5.16 -27.76 -3.00
C ASN B 23 -4.80 -26.51 -3.81
N GLY B 24 -4.55 -26.65 -5.11
CA GLY B 24 -4.59 -25.53 -6.09
C GLY B 24 -3.24 -24.88 -6.34
N TYR B 25 -2.29 -25.03 -5.42
CA TYR B 25 -0.95 -24.39 -5.47
C TYR B 25 0.01 -25.25 -6.31
N ILE B 26 1.18 -24.68 -6.64
CA ILE B 26 2.32 -25.34 -7.35
C ILE B 26 3.38 -25.69 -6.29
N ALA B 27 3.79 -26.97 -6.21
CA ALA B 27 4.80 -27.50 -5.27
C ALA B 27 6.19 -27.50 -5.93
N ILE B 28 7.21 -27.06 -5.18
CA ILE B 28 8.64 -27.02 -5.60
C ILE B 28 9.47 -27.66 -4.49
N GLU B 29 10.25 -28.70 -4.81
CA GLU B 29 10.94 -29.57 -3.81
C GLU B 29 12.43 -29.22 -3.66
N ALA B 30 12.96 -29.35 -2.44
CA ALA B 30 14.41 -29.33 -2.11
C ALA B 30 14.71 -30.31 -0.95
N GLU B 31 15.70 -31.20 -1.12
CA GLU B 31 16.07 -32.26 -0.15
C GLU B 31 17.13 -31.73 0.84
N SER B 32 17.94 -30.76 0.41
CA SER B 32 18.98 -30.06 1.22
C SER B 32 18.92 -28.55 0.96
N ILE B 33 19.64 -27.77 1.77
CA ILE B 33 19.73 -26.28 1.69
C ILE B 33 20.34 -25.89 0.34
N SER B 34 21.33 -26.68 -0.12
CA SER B 34 22.06 -26.48 -1.39
C SER B 34 21.05 -26.28 -2.52
N VAL B 35 20.25 -27.32 -2.80
CA VAL B 35 19.25 -27.34 -3.91
C VAL B 35 18.17 -26.27 -3.61
N ALA B 36 17.88 -25.98 -2.34
CA ALA B 36 16.90 -24.95 -1.92
C ALA B 36 17.31 -23.56 -2.43
N ARG B 37 18.57 -23.18 -2.23
CA ARG B 37 19.13 -21.85 -2.63
C ARG B 37 19.06 -21.67 -4.14
N GLU B 38 19.30 -22.73 -4.91
CA GLU B 38 19.12 -22.75 -6.39
C GLU B 38 17.68 -22.35 -6.74
N LYS B 39 16.71 -22.85 -5.97
CA LYS B 39 15.26 -22.72 -6.30
C LYS B 39 14.76 -21.31 -5.96
N ILE B 40 15.27 -20.66 -4.89
CA ILE B 40 14.85 -19.28 -4.49
C ILE B 40 15.41 -18.26 -5.50
N ILE B 41 16.66 -18.42 -5.97
CA ILE B 41 17.29 -17.55 -7.01
C ILE B 41 16.57 -17.81 -8.35
N SER B 42 16.33 -19.08 -8.70
CA SER B 42 15.70 -19.53 -9.97
C SER B 42 14.27 -18.97 -10.07
N GLU B 43 13.28 -19.60 -9.42
CA GLU B 43 11.85 -19.24 -9.56
C GLU B 43 11.46 -18.22 -8.50
N SER B 44 10.40 -17.44 -8.76
CA SER B 44 9.77 -16.52 -7.78
C SER B 44 8.82 -17.34 -6.89
N ILE B 45 9.26 -17.57 -5.65
CA ILE B 45 8.58 -18.40 -4.63
C ILE B 45 7.73 -17.47 -3.76
N ASP B 46 6.46 -17.82 -3.57
CA ASP B 46 5.49 -17.01 -2.79
C ASP B 46 5.62 -17.37 -1.30
N VAL B 47 5.81 -18.65 -0.94
CA VAL B 47 5.95 -19.09 0.48
C VAL B 47 6.98 -20.22 0.59
N VAL B 48 7.67 -20.29 1.74
CA VAL B 48 8.69 -21.35 2.08
C VAL B 48 8.22 -22.17 3.30
N LEU B 49 8.13 -23.49 3.12
CA LEU B 49 8.07 -24.51 4.20
C LEU B 49 9.49 -24.99 4.50
N LEU B 50 9.92 -24.96 5.77
CA LEU B 50 11.31 -25.30 6.18
C LEU B 50 11.32 -26.32 7.33
N ASP B 51 11.96 -27.47 7.12
CA ASP B 51 12.33 -28.47 8.16
C ASP B 51 13.39 -27.83 9.06
N TRP B 52 13.04 -27.56 10.33
CA TRP B 52 13.94 -26.97 11.36
C TRP B 52 14.85 -28.05 11.95
N GLU B 53 14.90 -29.24 11.33
CA GLU B 53 15.79 -30.38 11.68
C GLU B 53 16.39 -30.95 10.38
N LEU B 54 17.47 -30.33 9.88
CA LEU B 54 18.12 -30.57 8.56
C LEU B 54 19.49 -31.24 8.77
N PRO B 55 20.32 -31.46 7.71
CA PRO B 55 21.63 -32.09 7.86
C PRO B 55 22.52 -31.56 9.00
N ASP B 56 23.06 -30.33 8.87
CA ASP B 56 24.08 -29.77 9.79
C ASP B 56 23.55 -28.48 10.43
N GLY B 57 23.68 -28.37 11.77
CA GLY B 57 23.31 -27.19 12.57
C GLY B 57 21.80 -27.01 12.70
N ASN B 58 21.34 -26.27 13.71
CA ASN B 58 19.91 -25.87 13.91
C ASN B 58 19.58 -24.83 12.82
N GLY B 59 18.51 -24.05 13.01
CA GLY B 59 17.88 -23.22 11.97
C GLY B 59 17.99 -21.72 12.22
N ILE B 60 18.88 -21.29 13.13
CA ILE B 60 19.35 -19.88 13.25
C ILE B 60 20.45 -19.67 12.20
N ASP B 61 20.98 -20.77 11.67
CA ASP B 61 21.69 -20.88 10.37
C ASP B 61 20.69 -20.66 9.22
N LEU B 62 19.68 -21.55 9.15
CA LEU B 62 18.82 -21.80 7.97
C LEU B 62 17.97 -20.57 7.65
N ILE B 63 17.20 -20.09 8.63
CA ILE B 63 16.15 -19.04 8.44
C ILE B 63 16.82 -17.79 7.88
N SER B 64 17.88 -17.31 8.53
CA SER B 64 18.67 -16.12 8.13
C SER B 64 19.30 -16.34 6.74
N ASP B 65 19.66 -17.60 6.43
CA ASP B 65 20.22 -18.03 5.12
C ASP B 65 19.20 -17.77 4.00
N ILE B 66 17.98 -18.33 4.16
CA ILE B 66 16.86 -18.25 3.17
C ILE B 66 16.51 -16.79 2.86
N LEU B 67 16.52 -15.92 3.89
CA LEU B 67 15.98 -14.53 3.80
C LEU B 67 16.83 -13.65 2.87
N SER B 68 18.16 -13.75 2.92
CA SER B 68 19.10 -12.85 2.18
C SER B 68 19.50 -13.46 0.84
N THR B 69 19.09 -14.70 0.56
CA THR B 69 19.13 -15.32 -0.80
C THR B 69 18.02 -14.69 -1.64
N SER B 70 16.95 -14.24 -0.99
CA SER B 70 15.70 -13.74 -1.63
C SER B 70 16.00 -12.54 -2.52
N PRO B 71 15.74 -12.63 -3.85
CA PRO B 71 15.87 -11.50 -4.75
C PRO B 71 15.07 -10.25 -4.32
N VAL B 72 13.86 -10.43 -3.78
CA VAL B 72 12.98 -9.29 -3.38
C VAL B 72 13.43 -8.78 -2.01
N GLY B 73 14.11 -9.61 -1.20
CA GLY B 73 14.70 -9.21 0.09
C GLY B 73 13.87 -9.66 1.29
N TRP B 74 12.60 -10.04 1.12
CA TRP B 74 11.74 -10.63 2.18
C TRP B 74 10.84 -11.73 1.61
N LEU B 75 10.48 -12.73 2.44
CA LEU B 75 9.66 -13.91 2.03
C LEU B 75 9.09 -14.60 3.25
N PRO B 76 7.81 -15.01 3.20
CA PRO B 76 7.19 -15.76 4.30
C PRO B 76 7.79 -17.16 4.43
N ILE B 77 8.40 -17.44 5.57
CA ILE B 77 8.95 -18.78 5.91
C ILE B 77 8.04 -19.39 6.98
N ILE B 78 7.43 -20.54 6.68
CA ILE B 78 6.64 -21.35 7.64
C ILE B 78 7.57 -22.44 8.20
N MET B 79 7.73 -22.47 9.52
CA MET B 79 8.59 -23.48 10.20
C MET B 79 7.81 -24.80 10.34
N VAL B 80 8.52 -25.89 10.13
CA VAL B 80 8.00 -27.29 10.26
C VAL B 80 8.95 -28.00 11.23
N THR B 81 8.51 -28.30 12.44
CA THR B 81 9.38 -28.80 13.53
C THR B 81 8.60 -29.70 14.49
N GLY B 82 9.31 -30.53 15.25
CA GLY B 82 8.77 -31.35 16.36
C GLY B 82 8.92 -30.68 17.71
N HIS B 83 9.43 -29.43 17.73
CA HIS B 83 9.60 -28.59 18.95
C HIS B 83 8.23 -28.00 19.34
N THR B 84 7.59 -28.59 20.34
CA THR B 84 6.20 -28.29 20.79
C THR B 84 6.20 -27.13 21.80
N GLU B 85 7.37 -26.79 22.35
CA GLU B 85 7.49 -25.89 23.53
C GLU B 85 7.28 -24.45 23.09
N PRO B 86 6.40 -23.67 23.78
CA PRO B 86 6.11 -22.28 23.40
C PRO B 86 7.33 -21.41 23.11
N GLU B 87 8.41 -21.64 23.87
CA GLU B 87 9.71 -20.90 23.82
C GLU B 87 10.21 -20.88 22.38
N TYR B 88 10.14 -22.02 21.68
CA TYR B 88 10.74 -22.29 20.35
C TYR B 88 10.05 -21.47 19.24
N PHE B 89 8.76 -21.15 19.41
CA PHE B 89 8.00 -20.30 18.44
C PHE B 89 8.62 -18.90 18.39
N LYS B 90 8.90 -18.32 19.56
CA LYS B 90 9.47 -16.95 19.71
C LYS B 90 10.80 -16.87 18.95
N ILE B 91 11.73 -17.80 19.20
CA ILE B 91 13.09 -17.80 18.59
C ILE B 91 12.97 -17.79 17.06
N ALA B 92 11.98 -18.52 16.53
CA ALA B 92 11.68 -18.63 15.08
C ALA B 92 11.28 -17.27 14.52
N ILE B 93 10.48 -16.50 15.27
CA ILE B 93 10.00 -15.14 14.87
C ILE B 93 11.16 -14.14 14.94
N GLU B 94 11.88 -14.14 16.07
CA GLU B 94 13.09 -13.29 16.31
C GLU B 94 14.15 -13.60 15.24
N ALA B 95 14.20 -14.84 14.75
CA ALA B 95 15.06 -15.27 13.62
C ALA B 95 14.53 -14.72 12.28
N GLY B 96 13.20 -14.49 12.16
CA GLY B 96 12.56 -13.83 10.99
C GLY B 96 11.63 -14.75 10.20
N ALA B 97 11.19 -15.86 10.79
CA ALA B 97 10.13 -16.74 10.23
C ALA B 97 8.78 -16.02 10.32
N THR B 98 7.83 -16.37 9.46
CA THR B 98 6.47 -15.81 9.43
C THR B 98 5.52 -16.65 10.28
N ASP B 99 5.61 -17.97 10.19
CA ASP B 99 4.65 -18.88 10.87
C ASP B 99 5.34 -20.18 11.27
N TYR B 100 4.55 -21.14 11.75
CA TYR B 100 5.02 -22.28 12.58
C TYR B 100 4.03 -23.45 12.49
N ILE B 101 4.49 -24.63 12.08
CA ILE B 101 3.70 -25.88 12.19
C ILE B 101 4.48 -26.89 13.02
N THR B 102 3.80 -27.49 13.99
CA THR B 102 4.30 -28.65 14.78
C THR B 102 4.06 -29.89 13.92
N LYS B 103 5.12 -30.63 13.58
CA LYS B 103 4.97 -31.93 12.86
C LYS B 103 4.43 -32.96 13.85
N PRO B 104 3.72 -34.02 13.37
CA PRO B 104 3.41 -34.19 11.95
C PRO B 104 2.34 -33.20 11.50
N ALA B 105 2.66 -32.39 10.47
CA ALA B 105 1.79 -31.34 9.91
C ALA B 105 0.52 -32.00 9.38
N LYS B 106 -0.64 -31.40 9.66
CA LYS B 106 -1.95 -31.83 9.13
C LYS B 106 -2.22 -31.02 7.86
N GLU B 107 -2.89 -31.62 6.87
CA GLU B 107 -3.30 -30.94 5.62
C GLU B 107 -3.86 -29.56 5.99
N ILE B 108 -4.71 -29.50 7.03
CA ILE B 108 -5.48 -28.31 7.47
C ILE B 108 -4.52 -27.23 7.99
N GLU B 109 -3.62 -27.56 8.92
CA GLU B 109 -2.64 -26.60 9.48
C GLU B 109 -1.84 -26.02 8.31
N LEU B 110 -1.41 -26.89 7.40
CA LEU B 110 -0.51 -26.50 6.28
C LEU B 110 -1.19 -25.44 5.41
N LEU B 111 -2.45 -25.68 5.00
CA LEU B 111 -3.26 -24.76 4.16
C LEU B 111 -3.49 -23.44 4.88
N ALA B 112 -3.83 -23.52 6.16
CA ALA B 112 -4.10 -22.34 7.01
C ALA B 112 -2.86 -21.45 7.02
N ARG B 113 -1.68 -22.03 7.29
CA ARG B 113 -0.40 -21.29 7.42
C ARG B 113 -0.05 -20.59 6.11
N ILE B 114 -0.22 -21.30 4.99
CA ILE B 114 0.11 -20.80 3.63
C ILE B 114 -0.85 -19.66 3.29
N PHE B 115 -2.13 -19.82 3.62
CA PHE B 115 -3.16 -18.80 3.33
C PHE B 115 -2.76 -17.54 4.10
N SER B 116 -2.48 -17.67 5.40
CA SER B 116 -2.04 -16.56 6.31
C SER B 116 -0.80 -15.89 5.75
N ALA B 117 0.22 -16.63 5.35
CA ALA B 117 1.47 -16.04 4.87
C ALA B 117 1.17 -15.19 3.61
N LEU B 118 0.26 -15.70 2.78
CA LEU B 118 -0.10 -15.07 1.47
C LEU B 118 -0.99 -13.85 1.71
N ARG B 119 -1.82 -13.90 2.75
CA ARG B 119 -2.71 -12.77 3.11
C ARG B 119 -1.80 -11.64 3.60
N ILE B 120 -0.80 -11.95 4.42
CA ILE B 120 0.12 -10.92 5.00
C ILE B 120 0.98 -10.35 3.87
N LYS B 121 1.49 -11.19 2.97
CA LYS B 121 2.29 -10.67 1.83
C LYS B 121 1.43 -9.68 1.02
N ALA B 122 0.16 -10.01 0.78
CA ALA B 122 -0.76 -9.24 -0.09
C ALA B 122 -1.08 -7.90 0.57
N LEU B 123 -1.29 -7.91 1.89
CA LEU B 123 -1.54 -6.68 2.67
C LEU B 123 -0.26 -5.86 2.72
N HIS B 124 0.88 -6.52 2.96
CA HIS B 124 2.21 -5.86 2.95
C HIS B 124 2.40 -5.13 1.60
N ASP B 125 1.97 -5.74 0.50
CA ASP B 125 2.15 -5.24 -0.89
C ASP B 125 1.21 -4.05 -1.13
N GLN B 126 -0.08 -4.21 -0.83
CA GLN B 126 -1.08 -3.11 -0.97
C GLN B 126 -0.58 -1.88 -0.22
N LEU B 127 0.03 -2.07 0.96
CA LEU B 127 0.54 -0.96 1.79
C LEU B 127 1.76 -0.30 1.14
N ARG B 128 2.77 -1.08 0.75
CA ARG B 128 3.96 -0.56 0.05
C ARG B 128 3.54 0.27 -1.18
N GLU B 129 2.45 -0.10 -1.86
CA GLU B 129 1.99 0.57 -3.10
C GLU B 129 1.22 1.87 -2.79
N THR B 130 0.82 2.13 -1.55
CA THR B 130 0.26 3.45 -1.17
C THR B 130 1.40 4.45 -1.06
N ALA B 131 2.65 4.03 -0.87
CA ALA B 131 3.74 5.03 -0.78
C ALA B 131 3.86 5.83 -2.11
N ILE B 132 4.24 7.09 -1.99
CA ILE B 132 4.31 8.00 -3.17
C ILE B 132 5.46 7.51 -4.11
N ARG B 133 6.64 7.27 -3.54
CA ARG B 133 7.93 7.07 -4.21
C ARG B 133 8.36 5.62 -4.00
N ASP B 134 8.93 5.00 -5.02
CA ASP B 134 9.57 3.67 -4.99
C ASP B 134 10.87 3.82 -4.20
N VAL B 135 11.11 2.96 -3.22
CA VAL B 135 12.26 3.17 -2.31
C VAL B 135 13.56 3.03 -3.11
N MET B 136 13.69 2.03 -3.99
CA MET B 136 15.02 1.74 -4.58
C MET B 136 15.40 2.83 -5.59
N THR B 137 14.44 3.41 -6.31
CA THR B 137 14.71 4.32 -7.44
C THR B 137 14.40 5.79 -7.14
N GLY B 138 13.50 6.09 -6.19
CA GLY B 138 13.07 7.44 -5.83
C GLY B 138 12.04 7.97 -6.81
N LEU B 139 11.58 7.14 -7.74
CA LEU B 139 10.56 7.52 -8.73
C LEU B 139 9.18 7.28 -8.15
N TYR B 140 8.17 7.92 -8.73
CA TYR B 140 6.77 7.73 -8.34
C TYR B 140 6.42 6.24 -8.45
N ASN B 141 5.65 5.72 -7.50
CA ASN B 141 5.02 4.39 -7.63
C ASN B 141 3.84 4.49 -8.57
N ARG B 142 3.32 3.33 -8.94
CA ARG B 142 2.23 3.15 -9.91
C ARG B 142 0.98 3.92 -9.48
N ARG B 143 0.40 3.64 -8.32
CA ARG B 143 -0.92 4.25 -7.98
C ARG B 143 -0.83 5.78 -8.00
N TYR B 144 0.22 6.40 -7.43
CA TYR B 144 0.35 7.88 -7.45
C TYR B 144 0.43 8.36 -8.92
N MET B 145 1.21 7.63 -9.73
CA MET B 145 1.41 8.00 -11.13
C MET B 145 0.08 7.94 -11.86
N GLU B 146 -0.76 6.97 -11.52
CA GLU B 146 -2.06 6.83 -12.22
C GLU B 146 -2.94 8.04 -11.89
N GLU B 147 -2.84 8.59 -10.66
CA GLU B 147 -3.60 9.81 -10.31
C GLU B 147 -2.99 10.97 -11.12
N ARG B 148 -1.65 11.03 -11.26
CA ARG B 148 -0.99 12.15 -11.98
C ARG B 148 -1.32 12.04 -13.47
N ILE B 149 -1.42 10.83 -14.02
CA ILE B 149 -1.80 10.64 -15.45
C ILE B 149 -3.20 11.21 -15.67
N GLU B 150 -4.16 10.76 -14.87
CA GLU B 150 -5.56 11.24 -14.98
C GLU B 150 -5.54 12.79 -14.90
N GLN B 151 -4.82 13.40 -13.94
CA GLN B 151 -4.84 14.87 -13.70
C GLN B 151 -4.19 15.56 -14.92
N GLU B 152 -3.02 15.13 -15.38
CA GLU B 152 -2.30 15.81 -16.49
C GLU B 152 -3.11 15.66 -17.76
N PHE B 153 -3.71 14.52 -17.99
CA PHE B 153 -4.57 14.31 -19.19
C PHE B 153 -5.75 15.29 -19.14
N GLN B 154 -6.48 15.34 -18.06
CA GLN B 154 -7.64 16.31 -17.93
C GLN B 154 -7.15 17.75 -18.21
N ARG B 155 -6.07 18.15 -17.55
CA ARG B 155 -5.48 19.49 -17.69
C ARG B 155 -5.06 19.74 -19.15
N CYS B 156 -4.35 18.81 -19.77
CA CYS B 156 -3.84 19.02 -21.14
C CYS B 156 -4.99 19.06 -22.15
N LYS B 157 -5.99 18.23 -21.95
CA LYS B 157 -7.22 18.22 -22.79
C LYS B 157 -7.96 19.55 -22.67
N ARG B 158 -8.21 20.06 -21.45
CA ARG B 158 -8.93 21.34 -21.27
C ARG B 158 -8.14 22.48 -21.96
N HIS B 159 -6.80 22.45 -21.95
CA HIS B 159 -5.97 23.63 -22.33
C HIS B 159 -5.44 23.44 -23.74
N ASP B 160 -5.96 22.45 -24.46
CA ASP B 160 -5.40 22.08 -25.78
C ASP B 160 -3.88 22.12 -25.69
N SER B 161 -3.29 21.57 -24.64
CA SER B 161 -1.82 21.41 -24.48
C SER B 161 -1.43 20.05 -25.04
N LEU B 162 -0.22 19.94 -25.59
CA LEU B 162 0.38 18.63 -25.93
C LEU B 162 0.69 17.82 -24.67
N LEU B 163 0.51 16.50 -24.74
CA LEU B 163 0.93 15.55 -23.67
C LEU B 163 1.36 14.24 -24.32
N SER B 164 2.65 13.93 -24.29
CA SER B 164 3.20 12.64 -24.79
C SER B 164 3.44 11.73 -23.58
N MET B 165 3.13 10.46 -23.73
CA MET B 165 3.40 9.44 -22.69
C MET B 165 4.31 8.36 -23.29
N ALA B 166 5.36 7.96 -22.56
CA ALA B 166 6.19 6.78 -22.89
C ALA B 166 5.95 5.66 -21.88
N MET B 167 5.88 4.42 -22.39
CA MET B 167 5.99 3.20 -21.55
C MET B 167 7.23 2.43 -22.01
N ILE B 168 8.22 2.29 -21.12
CA ILE B 168 9.48 1.55 -21.37
C ILE B 168 9.59 0.37 -20.39
N ASP B 169 10.39 -0.60 -20.84
CA ASP B 169 10.46 -1.93 -20.20
C ASP B 169 11.84 -2.52 -20.54
N ILE B 170 12.58 -3.01 -19.54
CA ILE B 170 13.99 -3.45 -19.79
C ILE B 170 13.90 -4.73 -20.64
N ASP B 171 14.80 -4.85 -21.61
CA ASP B 171 14.86 -6.05 -22.53
C ASP B 171 15.45 -7.25 -21.78
N LYS B 172 14.74 -8.36 -21.70
CA LYS B 172 15.20 -9.65 -21.09
C LYS B 172 15.93 -9.36 -19.78
N PHE B 173 15.28 -8.67 -18.86
CA PHE B 173 15.77 -8.39 -17.51
C PHE B 173 15.89 -9.68 -16.68
N LYS B 174 14.97 -10.63 -16.82
CA LYS B 174 15.08 -11.96 -16.15
C LYS B 174 16.45 -12.60 -16.43
N ASN B 175 16.99 -12.50 -17.65
CA ASN B 175 18.31 -13.11 -17.97
C ASN B 175 19.41 -12.38 -17.19
N ILE B 176 19.23 -11.07 -16.94
CA ILE B 176 20.23 -10.31 -16.14
C ILE B 176 20.23 -10.89 -14.72
N ASN B 177 19.07 -11.14 -14.14
CA ASN B 177 18.93 -11.73 -12.79
C ASN B 177 19.55 -13.13 -12.75
N ASP B 178 19.12 -14.00 -13.67
CA ASP B 178 19.58 -15.42 -13.78
C ASP B 178 21.10 -15.51 -13.96
N THR B 179 21.66 -14.62 -14.76
CA THR B 179 23.08 -14.68 -15.15
C THR B 179 23.97 -14.02 -14.10
N TYR B 180 23.57 -12.91 -13.47
CA TYR B 180 24.49 -12.05 -12.68
C TYR B 180 23.99 -11.88 -11.23
N GLY B 181 22.75 -12.29 -10.92
CA GLY B 181 22.16 -12.22 -9.57
C GLY B 181 21.26 -11.00 -9.38
N HIS B 182 20.39 -11.05 -8.39
CA HIS B 182 19.37 -10.00 -8.15
C HIS B 182 20.06 -8.67 -7.80
N GLU B 183 21.22 -8.69 -7.14
CA GLU B 183 21.92 -7.47 -6.69
C GLU B 183 22.33 -6.68 -7.94
N ILE B 184 22.82 -7.37 -8.96
CA ILE B 184 23.23 -6.75 -10.25
C ILE B 184 21.98 -6.26 -10.97
N GLY B 185 20.92 -7.04 -10.95
CA GLY B 185 19.61 -6.58 -11.45
C GLY B 185 19.21 -5.27 -10.78
N ASP B 186 19.38 -5.15 -9.47
CA ASP B 186 19.05 -3.88 -8.76
C ASP B 186 19.89 -2.74 -9.34
N GLN B 187 21.18 -3.00 -9.58
CA GLN B 187 22.12 -1.94 -10.05
C GLN B 187 21.66 -1.45 -11.41
N VAL B 188 21.11 -2.38 -12.23
CA VAL B 188 20.66 -2.13 -13.63
C VAL B 188 19.39 -1.29 -13.56
N ILE B 189 18.45 -1.68 -12.72
CA ILE B 189 17.22 -0.86 -12.46
C ILE B 189 17.58 0.56 -11.99
N LYS B 190 18.51 0.73 -11.05
CA LYS B 190 18.87 2.07 -10.45
C LYS B 190 19.64 2.89 -11.52
N GLN B 191 20.35 2.18 -12.44
CA GLN B 191 21.18 2.86 -13.45
C GLN B 191 20.19 3.44 -14.46
N LEU B 192 19.17 2.69 -14.83
CA LEU B 192 18.16 3.19 -15.79
C LEU B 192 17.44 4.35 -15.11
N ALA B 193 17.04 4.17 -13.85
CA ALA B 193 16.34 5.24 -13.07
C ALA B 193 17.20 6.52 -13.11
N HIS B 194 18.51 6.41 -12.85
CA HIS B 194 19.47 7.54 -12.88
C HIS B 194 19.42 8.23 -14.26
N GLU B 195 19.42 7.45 -15.35
CA GLU B 195 19.41 7.98 -16.74
C GLU B 195 18.09 8.68 -16.98
N LEU B 196 17.00 8.07 -16.50
CA LEU B 196 15.67 8.67 -16.69
C LEU B 196 15.61 10.00 -15.92
N LYS B 197 16.14 10.06 -14.70
CA LYS B 197 16.06 11.30 -13.85
C LYS B 197 16.98 12.41 -14.38
N THR B 198 17.99 12.12 -15.22
CA THR B 198 19.03 13.13 -15.53
C THR B 198 18.92 13.57 -16.98
N SER B 199 17.93 13.11 -17.75
CA SER B 199 17.95 13.25 -19.22
C SER B 199 16.79 14.10 -19.72
N PHE B 200 15.66 14.10 -19.06
CA PHE B 200 14.41 14.78 -19.51
C PHE B 200 14.34 16.16 -18.85
N ALA B 201 13.50 17.03 -19.40
CA ALA B 201 13.12 18.34 -18.80
C ALA B 201 12.55 18.09 -17.39
N LYS B 202 12.78 19.00 -16.44
CA LYS B 202 12.15 19.01 -15.11
C LYS B 202 10.65 18.75 -15.22
N SER B 203 10.00 19.26 -16.24
CA SER B 203 8.52 19.10 -16.43
C SER B 203 8.06 17.66 -16.61
N ALA B 204 8.93 16.74 -17.01
CA ALA B 204 8.56 15.33 -17.23
C ALA B 204 8.29 14.68 -15.88
N ILE B 205 7.32 13.78 -15.87
CA ILE B 205 6.92 13.02 -14.64
C ILE B 205 7.28 11.56 -14.85
N ILE B 206 8.18 11.06 -14.02
CA ILE B 206 8.83 9.73 -14.14
C ILE B 206 8.34 8.81 -13.01
N SER B 207 7.80 7.66 -13.41
CA SER B 207 7.30 6.57 -12.55
C SER B 207 8.05 5.26 -12.84
N ARG B 208 8.41 4.54 -11.78
CA ARG B 208 8.59 3.08 -11.78
C ARG B 208 7.24 2.42 -11.73
N PHE B 209 6.73 1.99 -12.86
CA PHE B 209 5.32 1.54 -12.96
C PHE B 209 5.20 0.07 -12.55
N GLY B 210 6.30 -0.69 -12.55
CA GLY B 210 6.39 -2.14 -12.26
C GLY B 210 7.84 -2.53 -12.08
N GLY B 211 8.14 -3.76 -11.71
CA GLY B 211 9.52 -4.23 -11.45
C GLY B 211 10.59 -3.65 -12.36
N GLU B 212 10.32 -3.64 -13.66
CA GLU B 212 11.30 -3.14 -14.66
C GLU B 212 10.56 -2.41 -15.77
N GLU B 213 9.44 -1.74 -15.44
CA GLU B 213 8.59 -0.95 -16.34
C GLU B 213 8.53 0.49 -15.76
N PHE B 214 8.63 1.49 -16.64
CA PHE B 214 8.71 2.91 -16.33
C PHE B 214 7.81 3.63 -17.30
N VAL B 215 6.99 4.54 -16.72
CA VAL B 215 6.06 5.40 -17.49
C VAL B 215 6.52 6.83 -17.30
N ILE B 216 6.59 7.62 -18.37
CA ILE B 216 7.05 9.02 -18.30
C ILE B 216 5.97 9.84 -19.00
N LEU B 217 5.44 10.87 -18.31
CA LEU B 217 4.63 11.89 -18.98
C LEU B 217 5.49 13.06 -19.46
N PHE B 218 5.23 13.58 -20.65
CA PHE B 218 5.93 14.78 -21.16
C PHE B 218 4.90 15.86 -21.47
N PRO B 219 4.53 16.71 -20.45
CA PRO B 219 3.58 17.80 -20.63
C PRO B 219 4.15 18.79 -21.68
N GLU B 220 3.28 19.36 -22.50
CA GLU B 220 3.67 20.34 -23.59
C GLU B 220 4.70 19.72 -24.56
N THR B 221 4.79 18.39 -24.73
CA THR B 221 5.76 17.78 -25.66
C THR B 221 5.01 16.88 -26.63
N GLY B 222 5.18 17.16 -27.92
CA GLY B 222 4.63 16.37 -29.04
C GLY B 222 5.36 15.04 -29.22
N VAL B 223 4.71 14.12 -29.92
CA VAL B 223 5.14 12.69 -29.99
C VAL B 223 6.52 12.66 -30.65
N VAL B 224 6.77 13.49 -31.66
CA VAL B 224 8.07 13.44 -32.40
C VAL B 224 9.19 13.89 -31.46
N ASP B 225 9.01 14.97 -30.72
CA ASP B 225 10.10 15.42 -29.79
C ASP B 225 10.30 14.36 -28.68
N ALA B 226 9.21 13.85 -28.09
CA ALA B 226 9.29 12.88 -26.98
C ALA B 226 10.04 11.64 -27.45
N THR B 227 9.68 11.14 -28.65
CA THR B 227 10.34 9.98 -29.28
C THR B 227 11.84 10.27 -29.40
N ARG B 228 12.25 11.41 -29.94
CA ARG B 228 13.70 11.62 -30.14
C ARG B 228 14.42 11.67 -28.80
N ILE B 229 13.85 12.36 -27.81
CA ILE B 229 14.49 12.49 -26.49
C ILE B 229 14.56 11.08 -25.86
N LEU B 230 13.48 10.31 -25.91
CA LEU B 230 13.52 8.95 -25.31
C LEU B 230 14.54 8.06 -26.09
N ASP B 231 14.63 8.21 -27.41
CA ASP B 231 15.53 7.40 -28.27
C ASP B 231 16.99 7.76 -27.93
N ARG B 232 17.27 9.02 -27.60
CA ARG B 232 18.66 9.40 -27.21
C ARG B 232 18.99 8.66 -25.90
N VAL B 233 18.02 8.53 -25.01
CA VAL B 233 18.27 7.84 -23.70
C VAL B 233 18.40 6.33 -23.97
N ARG B 234 17.51 5.75 -24.73
CA ARG B 234 17.64 4.34 -25.20
C ARG B 234 19.05 4.08 -25.73
N GLU B 235 19.59 4.99 -26.52
CA GLU B 235 20.92 4.88 -27.18
C GLU B 235 22.01 4.98 -26.11
N ASN B 236 21.97 6.01 -25.25
CA ASN B 236 22.92 6.14 -24.13
C ASN B 236 22.89 4.87 -23.24
N VAL B 237 21.72 4.36 -22.88
CA VAL B 237 21.63 3.11 -22.06
C VAL B 237 22.36 1.95 -22.83
N SER B 238 22.12 1.70 -24.10
CA SER B 238 22.73 0.55 -24.84
C SER B 238 24.28 0.60 -24.81
N LYS B 239 24.89 1.73 -24.42
CA LYS B 239 26.36 1.96 -24.48
C LYS B 239 26.95 1.89 -23.07
N LEU B 240 26.10 1.85 -22.06
CA LEU B 240 26.56 1.63 -20.66
C LEU B 240 27.27 0.27 -20.58
N GLU B 241 28.51 0.29 -20.15
CA GLU B 241 29.25 -0.88 -19.66
C GLU B 241 28.87 -1.10 -18.20
N MET B 242 27.90 -1.96 -17.98
CA MET B 242 27.65 -2.50 -16.63
C MET B 242 28.69 -3.58 -16.30
N LYS B 243 29.03 -3.68 -15.01
CA LYS B 243 29.97 -4.66 -14.41
C LYS B 243 29.19 -5.68 -13.60
N SER B 244 29.45 -6.95 -13.84
CA SER B 244 28.90 -8.12 -13.11
C SER B 244 29.54 -8.17 -11.72
N ASP B 245 29.09 -9.14 -10.93
CA ASP B 245 29.63 -9.50 -9.59
C ASP B 245 31.15 -9.77 -9.68
N THR B 246 31.62 -10.39 -10.76
CA THR B 246 33.03 -10.78 -11.02
C THR B 246 33.72 -9.83 -12.01
N ASP B 247 33.14 -8.66 -12.27
CA ASP B 247 33.79 -7.57 -13.07
C ASP B 247 33.83 -7.90 -14.58
N GLN B 248 32.96 -8.79 -15.07
CA GLN B 248 32.65 -8.95 -16.52
C GLN B 248 31.80 -7.76 -16.99
N ILE B 249 32.09 -7.20 -18.16
CA ILE B 249 31.25 -6.14 -18.78
C ILE B 249 30.07 -6.80 -19.49
N PHE B 250 28.86 -6.30 -19.27
CA PHE B 250 27.62 -6.67 -20.01
C PHE B 250 26.84 -5.39 -20.37
N HIS B 251 26.00 -5.50 -21.41
CA HIS B 251 25.13 -4.38 -21.86
C HIS B 251 23.67 -4.78 -21.62
N PHE B 252 22.81 -3.79 -21.45
CA PHE B 252 21.34 -4.01 -21.50
C PHE B 252 20.74 -2.95 -22.39
N THR B 253 19.50 -3.19 -22.74
CA THR B 253 18.69 -2.25 -23.53
C THR B 253 17.28 -2.26 -22.96
N PHE B 254 16.50 -1.27 -23.41
CA PHE B 254 15.04 -1.22 -23.19
C PHE B 254 14.35 -0.97 -24.52
N SER B 255 13.11 -1.40 -24.59
CA SER B 255 12.09 -1.02 -25.61
C SER B 255 11.10 -0.01 -25.02
N GLY B 256 10.47 0.77 -25.87
CA GLY B 256 9.63 1.93 -25.47
C GLY B 256 8.53 2.11 -26.50
N GLY B 257 7.34 2.46 -26.04
CA GLY B 257 6.25 2.96 -26.91
C GLY B 257 5.84 4.35 -26.45
N VAL B 258 5.57 5.25 -27.40
CA VAL B 258 5.22 6.66 -27.15
C VAL B 258 3.84 6.88 -27.76
N ALA B 259 2.95 7.49 -26.99
CA ALA B 259 1.57 7.81 -27.40
C ALA B 259 1.23 9.27 -27.07
N GLY B 260 0.21 9.75 -27.78
CA GLY B 260 -0.41 11.05 -27.53
C GLY B 260 0.24 12.12 -28.35
N GLY B 261 0.68 13.21 -27.71
CA GLY B 261 0.96 14.49 -28.38
C GLY B 261 -0.32 15.30 -28.35
N ASP B 262 -1.03 15.30 -29.47
CA ASP B 262 -2.33 15.98 -29.62
C ASP B 262 -3.41 15.07 -29.08
N LEU B 263 -4.14 15.49 -28.05
CA LEU B 263 -5.13 14.64 -27.34
C LEU B 263 -6.53 14.87 -27.90
N SER B 264 -6.70 15.76 -28.88
CA SER B 264 -8.02 16.13 -29.44
C SER B 264 -8.90 14.90 -29.73
N ASP B 265 -8.35 13.80 -30.25
CA ASP B 265 -9.15 12.59 -30.61
C ASP B 265 -8.77 11.39 -29.72
N ILE B 266 -8.35 11.62 -28.49
CA ILE B 266 -8.13 10.58 -27.43
C ILE B 266 -9.10 10.90 -26.29
N GLN B 267 -10.10 10.05 -26.03
CA GLN B 267 -11.27 10.40 -25.15
C GLN B 267 -10.88 10.29 -23.67
N SER B 268 -9.85 9.52 -23.31
CA SER B 268 -9.54 9.22 -21.88
C SER B 268 -8.07 8.85 -21.68
N ASN B 269 -7.56 9.00 -20.46
CA ASN B 269 -6.15 8.71 -20.10
C ASN B 269 -5.86 7.20 -20.25
N GLN B 270 -6.88 6.35 -20.14
CA GLN B 270 -6.76 4.89 -20.31
C GLN B 270 -6.43 4.60 -21.78
N GLU B 271 -7.10 5.29 -22.71
CA GLU B 271 -6.85 5.19 -24.17
C GLU B 271 -5.40 5.55 -24.49
N LEU B 272 -4.82 6.46 -23.72
CA LEU B 272 -3.43 6.95 -23.90
C LEU B 272 -2.47 5.83 -23.50
N LEU B 273 -2.76 5.17 -22.37
CA LEU B 273 -1.92 4.07 -21.83
C LEU B 273 -2.02 2.88 -22.78
N LYS B 274 -3.21 2.63 -23.33
CA LYS B 274 -3.50 1.52 -24.26
C LYS B 274 -2.60 1.69 -25.47
N ILE B 275 -2.53 2.91 -26.02
CA ILE B 275 -1.73 3.17 -27.25
C ILE B 275 -0.24 3.02 -26.89
N ALA B 276 0.23 3.60 -25.80
CA ALA B 276 1.65 3.42 -25.40
C ALA B 276 1.95 1.92 -25.23
N ASP B 277 1.01 1.14 -24.70
CA ASP B 277 1.25 -0.30 -24.38
C ASP B 277 1.30 -1.10 -25.70
N LYS B 278 0.44 -0.75 -26.66
CA LYS B 278 0.44 -1.39 -27.99
C LYS B 278 1.78 -1.09 -28.65
N ASN B 279 2.25 0.17 -28.62
CA ASN B 279 3.53 0.55 -29.26
C ASN B 279 4.69 -0.13 -28.55
N LEU B 280 4.62 -0.24 -27.22
CA LEU B 280 5.61 -1.04 -26.46
C LEU B 280 5.71 -2.47 -27.05
N TYR B 281 4.59 -3.17 -27.16
CA TYR B 281 4.49 -4.58 -27.61
C TYR B 281 5.07 -4.70 -29.04
N GLU B 282 4.73 -3.78 -29.92
CA GLU B 282 5.28 -3.69 -31.28
C GLU B 282 6.79 -3.48 -31.21
N ALA B 283 7.31 -2.66 -30.31
CA ALA B 283 8.77 -2.47 -30.12
C ALA B 283 9.40 -3.79 -29.68
N LYS B 284 8.76 -4.46 -28.70
CA LYS B 284 9.23 -5.75 -28.12
C LYS B 284 9.26 -6.83 -29.23
N SER B 285 8.29 -6.82 -30.15
CA SER B 285 8.05 -7.84 -31.20
C SER B 285 8.93 -7.64 -32.44
N SER B 286 9.60 -6.50 -32.62
CA SER B 286 10.29 -6.08 -33.88
C SER B 286 11.87 -5.99 -33.70
N GLY B 287 12.37 -6.70 -32.66
CA GLY B 287 13.83 -6.82 -32.37
C GLY B 287 14.28 -6.16 -31.07
N ARG B 288 13.35 -5.50 -30.32
CA ARG B 288 13.68 -4.81 -29.05
C ARG B 288 14.76 -3.75 -29.27
N ASN B 289 15.26 -3.17 -28.13
CA ASN B 289 16.19 -2.01 -28.14
C ASN B 289 15.71 -0.98 -29.18
N GLN B 290 14.43 -0.58 -29.14
CA GLN B 290 13.92 0.50 -30.03
C GLN B 290 12.69 1.19 -29.43
N ILE B 291 12.27 2.29 -30.06
CA ILE B 291 11.11 3.14 -29.67
C ILE B 291 10.12 3.11 -30.81
N ILE B 292 8.86 2.77 -30.52
CA ILE B 292 7.76 2.84 -31.50
C ILE B 292 6.81 3.97 -31.12
N SER B 293 6.56 4.85 -32.09
CA SER B 293 5.49 5.86 -32.12
C SER B 293 4.92 5.95 -33.54
PG GH3 C . -3.33 28.68 -10.88
O1G GH3 C . -4.37 29.23 -11.72
O2G GH3 C . -3.87 27.62 -9.95
O3G GH3 C . -2.52 29.68 -10.13
O3B GH3 C . -2.13 27.96 -11.72
PB GH3 C . -1.68 26.44 -11.51
O1B GH3 C . -0.48 26.28 -12.40
O2B GH3 C . -1.52 26.04 -10.09
O3A GH3 C . -2.94 25.62 -12.06
PA GH3 C . -2.92 24.58 -13.30
O1A GH3 C . -4.20 23.80 -13.13
O2A GH3 C . -2.62 25.30 -14.60
O5' GH3 C . -1.68 23.69 -12.89
C5' GH3 C . -1.81 22.71 -11.85
C4' GH3 C . -0.49 21.99 -11.78
O4' GH3 C . -0.42 21.24 -10.56
C3' GH3 C . -0.21 20.87 -12.81
C2' GH3 C . 0.96 20.11 -12.11
O2' GH3 C . 2.18 20.67 -12.61
C1' GH3 C . 0.74 20.46 -10.58
N9 GH3 C . 0.50 19.28 -9.67
C8 GH3 C . -0.74 18.73 -9.42
N7 GH3 C . -0.68 17.68 -8.61
C5 GH3 C . 0.64 17.67 -8.18
C6 GH3 C . 1.28 16.77 -7.28
O6 GH3 C . 0.75 15.91 -6.57
N1 GH3 C . 2.65 17.07 -7.18
C2 GH3 C . 3.33 18.03 -7.87
N2 GH3 C . 4.63 18.12 -7.63
N3 GH3 C . 2.68 18.95 -8.63
C4 GH3 C . 1.37 18.65 -8.81
MG MG D . -17.70 -25.65 23.53
MG MG E . -6.19 24.26 -9.33
MG MG F . -2.93 26.50 -8.76
S SO4 G . -7.32 34.72 16.31
O1 SO4 G . -8.73 34.47 16.47
O2 SO4 G . -6.59 33.49 16.53
O3 SO4 G . -6.89 35.71 17.26
O4 SO4 G . -7.07 35.18 14.97
S SO4 H . -25.01 15.95 17.11
O1 SO4 H . -25.38 15.99 18.50
O2 SO4 H . -24.91 14.58 16.68
O3 SO4 H . -23.74 16.60 16.94
O4 SO4 H . -26.02 16.63 16.33
S SO4 I . -3.89 34.17 -15.93
O1 SO4 I . -3.56 33.11 -16.85
O2 SO4 I . -4.67 33.63 -14.86
O3 SO4 I . -4.65 35.19 -16.61
O4 SO4 I . -2.67 34.73 -15.40
S SO4 J . 4.16 17.74 9.11
O1 SO4 J . 3.58 16.48 9.48
O2 SO4 J . 3.73 18.76 10.02
O3 SO4 J . 3.76 18.09 7.77
O4 SO4 J . 5.61 17.63 9.16
C1 EDO K . 11.56 34.57 -6.80
O1 EDO K . 12.91 34.08 -6.70
C2 EDO K . 10.54 33.89 -5.95
O2 EDO K . 9.67 32.99 -6.64
PG GH3 L . 11.00 -8.70 -22.02
O1G GH3 L . 9.77 -9.26 -22.69
O2G GH3 L . 10.73 -7.38 -21.29
O3G GH3 L . 12.16 -8.57 -22.90
O3B GH3 L . 11.49 -9.78 -20.87
PB GH3 L . 11.77 -9.57 -19.29
O1B GH3 L . 12.45 -10.72 -18.67
O2B GH3 L . 12.43 -8.19 -19.16
O3A GH3 L . 10.24 -9.55 -18.84
PA GH3 L . 9.67 -9.70 -17.35
O1A GH3 L . 8.42 -8.86 -17.23
O2A GH3 L . 9.69 -11.16 -17.05
O5' GH3 L . 10.79 -9.00 -16.42
C5' GH3 L . 10.52 -9.10 -14.99
C4' GH3 L . 11.68 -9.72 -14.25
O4' GH3 L . 12.20 -8.69 -13.35
C3' GH3 L . 11.36 -10.92 -13.33
C2' GH3 L . 11.16 -10.22 -11.98
O2' GH3 L . 11.29 -11.07 -10.86
C1' GH3 L . 12.28 -9.20 -12.05
N9 GH3 L . 12.20 -8.10 -11.10
C8 GH3 L . 11.08 -7.40 -10.71
N7 GH3 L . 11.31 -6.48 -9.81
C5 GH3 L . 12.67 -6.60 -9.56
C6 GH3 L . 13.49 -5.88 -8.67
O6 GH3 L . 13.17 -4.97 -7.88
N1 GH3 L . 14.82 -6.31 -8.70
C2 GH3 L . 15.29 -7.31 -9.48
N2 GH3 L . 16.61 -7.55 -9.38
N3 GH3 L . 14.54 -7.99 -10.34
C4 GH3 L . 13.23 -7.59 -10.32
MG MG M . 13.55 -34.14 8.25
MG MG N . 7.70 -6.14 -18.11
MG MG O . 11.28 -6.68 -19.59
S SO4 P . -10.48 20.59 -29.94
O1 SO4 P . -10.74 19.34 -29.27
O2 SO4 P . -10.37 21.64 -28.96
O3 SO4 P . -11.57 20.89 -30.83
O4 SO4 P . -9.25 20.50 -30.68
C1 EDO Q . 27.99 4.65 -15.93
O1 EDO Q . 28.13 5.74 -15.03
C2 EDO Q . 28.84 3.47 -15.58
O2 EDO Q . 28.12 2.33 -15.14
#